data_8AV5
#
_entry.id   8AV5
#
_cell.length_a   77.660
_cell.length_b   77.660
_cell.length_c   123.883
_cell.angle_alpha   90.000
_cell.angle_beta   90.000
_cell.angle_gamma   120.000
#
_symmetry.space_group_name_H-M   'P 31 2 1'
#
loop_
_entity.id
_entity.type
_entity.pdbx_description
1 polymer 'Aromatic peroxygenase'
2 branched beta-D-mannopyranose-(1-4)-2-acetamido-2-deoxy-beta-D-glucopyranose-(1-4)-2-acetamido-2-deoxy-beta-D-glucopyranose
3 branched 2-acetamido-2-deoxy-beta-D-glucopyranose-(1-4)-2-acetamido-2-deoxy-beta-D-glucopyranose
4 branched alpha-D-mannopyranose-(1-2)-[alpha-D-mannopyranose-(1-6)]alpha-D-mannopyranose-(1-3)-[alpha-D-mannopyranose-(1-3)-[alpha-D-mannopyranose-(1-6)]alpha-D-mannopyranose-(1-6)]beta-D-mannopyranose-(1-4)-2-acetamido-2-deoxy-beta-D-glucopyranose-(1-4)-2-acetamido-2-deoxy-beta-D-glucopyranose
5 non-polymer 'MAGNESIUM ION'
6 non-polymer 'CHLORIDE ION'
7 non-polymer 2-acetamido-2-deoxy-beta-D-glucopyranose
8 non-polymer 'PROTOPORPHYRIN IX CONTAINING FE'
9 non-polymer 'ACETATE ION'
10 water water
#
_entity_poly.entity_id   1
_entity_poly.type   'polypeptide(L)'
_entity_poly.pdbx_seq_one_letter_code
;LPPGPLENSSAKLVNDEAHPWKPLRPGDIRGPCPGLNTLASHGYLPRNGVATPAQIINAVQEGFNFDNQAAIFATYAAHL
VDGNLITDLLSIGRKTRLTGPDPPPPASVGGLNEHGTFEGDASMTRGDAFFGNNHDFNETLFEQLVDYSNRFGGGKYNLT
VAGELRFKRIQDSIATNPNFSFVDFRFFTAYGETTFPANLFVDGRRDDGQLDMDAARSFFQFSRMPDDFFRAPSPRSGTG
VEVVVQAHPMQPGRNVGKINSYTVDPTSSDFSTPCLMYEKFVNITVKSLYPNPTVQLRKALNTNLDFLFQGVAAGCTQVF
PYGR
;
_entity_poly.pdbx_strand_id   A
#
loop_
_chem_comp.id
_chem_comp.type
_chem_comp.name
_chem_comp.formula
ACT non-polymer 'ACETATE ION' 'C2 H3 O2 -1'
BMA D-saccharide, beta linking beta-D-mannopyranose 'C6 H12 O6'
CL non-polymer 'CHLORIDE ION' 'Cl -1'
HEM non-polymer 'PROTOPORPHYRIN IX CONTAINING FE' 'C34 H32 Fe N4 O4'
MAN D-saccharide, alpha linking alpha-D-mannopyranose 'C6 H12 O6'
MG non-polymer 'MAGNESIUM ION' 'Mg 2'
NAG D-saccharide, beta linking 2-acetamido-2-deoxy-beta-D-glucopyranose 'C8 H15 N O6'
#
# COMPACT_ATOMS: atom_id res chain seq x y z
N LEU A 1 4.23 5.63 20.62
CA LEU A 1 3.54 4.31 20.52
C LEU A 1 3.49 3.76 19.07
N PRO A 2 3.81 4.51 17.99
CA PRO A 2 4.33 3.85 16.79
C PRO A 2 5.60 3.14 17.24
N PRO A 3 5.75 1.86 16.90
CA PRO A 3 7.02 1.16 17.10
C PRO A 3 8.18 1.90 16.42
N GLY A 4 9.35 1.79 17.08
CA GLY A 4 10.60 2.28 16.48
C GLY A 4 11.23 1.26 15.54
N PRO A 5 12.36 1.64 14.90
CA PRO A 5 13.06 0.75 13.99
C PRO A 5 13.56 -0.49 14.72
N LEU A 6 13.72 -1.59 13.98
CA LEU A 6 14.27 -2.87 14.43
C LEU A 6 15.60 -2.60 15.17
N GLU A 7 15.77 -3.26 16.30
CA GLU A 7 17.04 -3.19 17.07
C GLU A 7 18.08 -4.04 16.36
N ASN A 8 17.62 -5.10 15.67
CA ASN A 8 18.47 -6.00 14.85
C ASN A 8 17.90 -6.17 13.44
N SER A 9 18.47 -5.52 12.43
CA SER A 9 17.82 -5.44 11.08
C SER A 9 18.50 -6.36 10.09
N SER A 10 19.21 -7.39 10.56
CA SER A 10 19.99 -8.26 9.66
C SER A 10 19.04 -9.21 8.94
N ALA A 11 19.50 -9.78 7.82
CA ALA A 11 18.77 -10.84 7.10
C ALA A 11 18.58 -12.02 8.06
N LYS A 12 17.43 -12.71 7.94
CA LYS A 12 17.14 -13.92 8.74
C LYS A 12 15.99 -14.67 8.09
N LEU A 13 15.90 -15.95 8.40
CA LEU A 13 14.75 -16.78 7.96
C LEU A 13 13.50 -16.17 8.61
N VAL A 14 12.49 -15.86 7.81
CA VAL A 14 11.19 -15.33 8.34
C VAL A 14 10.08 -16.34 8.08
N ASN A 15 10.28 -17.27 7.15
CA ASN A 15 9.38 -18.44 6.95
C ASN A 15 9.82 -19.54 7.92
N ASP A 16 9.57 -19.36 9.20
CA ASP A 16 10.17 -20.21 10.28
C ASP A 16 9.06 -20.98 10.99
N GLU A 17 9.45 -21.81 11.98
CA GLU A 17 8.56 -22.67 12.80
C GLU A 17 7.41 -21.84 13.39
N ALA A 18 7.70 -20.64 13.89
CA ALA A 18 6.75 -19.77 14.62
C ALA A 18 5.75 -19.11 13.64
N HIS A 19 6.00 -19.13 12.33
CA HIS A 19 5.28 -18.30 11.30
C HIS A 19 5.01 -19.11 10.05
N PRO A 20 4.35 -20.27 10.22
CA PRO A 20 3.96 -21.12 9.09
C PRO A 20 2.81 -20.50 8.28
N TRP A 21 2.84 -20.71 6.98
CA TRP A 21 1.67 -20.40 6.12
C TRP A 21 0.50 -21.29 6.52
N LYS A 22 -0.69 -20.74 6.68
CA LYS A 22 -1.92 -21.54 6.86
C LYS A 22 -2.97 -21.03 5.89
N PRO A 23 -3.82 -21.93 5.38
CA PRO A 23 -4.90 -21.53 4.51
C PRO A 23 -5.92 -20.69 5.29
N LEU A 24 -6.76 -19.99 4.54
CA LEU A 24 -7.80 -19.10 5.09
C LEU A 24 -8.85 -19.95 5.80
N ARG A 25 -9.29 -19.43 6.95
CA ARG A 25 -10.46 -19.95 7.70
C ARG A 25 -11.65 -19.10 7.31
N PRO A 26 -12.88 -19.62 7.49
CA PRO A 26 -14.07 -18.84 7.24
C PRO A 26 -13.93 -17.56 8.09
N GLY A 27 -14.26 -16.44 7.46
CA GLY A 27 -14.21 -15.10 8.07
C GLY A 27 -12.86 -14.40 7.92
N ASP A 28 -11.77 -15.10 7.56
CA ASP A 28 -10.44 -14.43 7.51
C ASP A 28 -10.47 -13.40 6.39
N ILE A 29 -9.92 -12.22 6.63
CA ILE A 29 -9.93 -11.09 5.69
C ILE A 29 -8.55 -10.94 5.02
N ARG A 30 -8.57 -10.84 3.70
CA ARG A 30 -7.38 -10.50 2.89
C ARG A 30 -7.80 -9.44 1.89
N GLY A 31 -6.85 -8.62 1.47
CA GLY A 31 -7.21 -7.38 0.78
C GLY A 31 -6.28 -7.13 -0.40
N PRO A 32 -6.12 -5.85 -0.79
CA PRO A 32 -5.38 -5.52 -2.00
C PRO A 32 -3.85 -5.49 -1.83
N CYS A 33 -3.34 -5.67 -0.61
CA CYS A 33 -1.89 -5.56 -0.34
C CYS A 33 -1.30 -6.96 -0.13
N PRO A 34 -0.46 -7.43 -1.08
CA PRO A 34 0.12 -8.77 -0.94
C PRO A 34 1.11 -8.85 0.22
N GLY A 35 1.70 -7.73 0.61
CA GLY A 35 2.61 -7.69 1.77
C GLY A 35 1.85 -7.93 3.08
N LEU A 36 0.83 -7.14 3.38
CA LEU A 36 0.05 -7.38 4.62
C LEU A 36 -0.62 -8.75 4.54
N ASN A 37 -1.12 -9.16 3.36
CA ASN A 37 -1.82 -10.45 3.20
C ASN A 37 -0.86 -11.58 3.62
N THR A 38 0.40 -11.52 3.17
CA THR A 38 1.39 -12.58 3.45
C THR A 38 1.69 -12.58 4.96
N LEU A 39 1.83 -11.40 5.55
CA LEU A 39 2.13 -11.32 6.99
C LEU A 39 0.96 -11.92 7.79
N ALA A 40 -0.29 -11.65 7.39
CA ALA A 40 -1.47 -12.25 8.07
C ALA A 40 -1.43 -13.77 7.86
N SER A 41 -1.14 -14.27 6.66
CA SER A 41 -1.22 -15.72 6.36
C SER A 41 -0.02 -16.49 6.96
N HIS A 42 1.00 -15.80 7.46
CA HIS A 42 2.11 -16.45 8.22
C HIS A 42 2.01 -16.10 9.72
N GLY A 43 0.96 -15.37 10.15
CA GLY A 43 0.73 -15.08 11.58
C GLY A 43 1.71 -14.05 12.13
N TYR A 44 2.38 -13.27 11.27
CA TYR A 44 3.09 -12.06 11.73
C TYR A 44 2.05 -11.03 12.15
N LEU A 45 1.02 -10.92 11.34
CA LEU A 45 -0.23 -10.21 11.67
C LEU A 45 -1.25 -11.22 12.16
N PRO A 46 -2.33 -10.79 12.86
CA PRO A 46 -3.42 -11.69 13.17
C PRO A 46 -3.95 -12.35 11.91
N ARG A 47 -4.16 -13.66 11.97
CA ARG A 47 -4.54 -14.44 10.76
C ARG A 47 -5.93 -14.03 10.28
N ASN A 48 -6.75 -13.40 11.12
CA ASN A 48 -8.10 -12.96 10.69
C ASN A 48 -8.08 -11.69 9.83
N GLY A 49 -6.95 -10.99 9.67
CA GLY A 49 -6.85 -9.81 8.81
C GLY A 49 -7.38 -8.55 9.47
N VAL A 50 -7.53 -8.52 10.79
CA VAL A 50 -7.81 -7.26 11.54
C VAL A 50 -6.56 -6.99 12.37
N ALA A 51 -6.12 -5.73 12.42
CA ALA A 51 -4.88 -5.34 13.13
C ALA A 51 -4.93 -3.91 13.62
N THR A 52 -4.06 -3.64 14.60
CA THR A 52 -3.80 -2.28 15.02
C THR A 52 -2.62 -1.72 14.22
N PRO A 53 -2.49 -0.38 14.19
CA PRO A 53 -1.34 0.25 13.56
C PRO A 53 -0.01 -0.27 14.11
N ALA A 54 0.09 -0.49 15.43
CA ALA A 54 1.38 -0.97 16.00
C ALA A 54 1.65 -2.41 15.56
N GLN A 55 0.63 -3.28 15.42
CA GLN A 55 0.85 -4.66 14.92
C GLN A 55 1.37 -4.60 13.50
N ILE A 56 0.77 -3.74 12.66
CA ILE A 56 1.14 -3.63 11.24
C ILE A 56 2.59 -3.15 11.14
N ILE A 57 2.98 -2.13 11.91
CA ILE A 57 4.37 -1.57 11.80
C ILE A 57 5.35 -2.64 12.28
N ASN A 58 5.07 -3.28 13.42
CA ASN A 58 5.94 -4.40 13.87
C ASN A 58 6.01 -5.49 12.82
N ALA A 59 4.89 -5.88 12.21
CA ALA A 59 4.88 -7.05 11.33
C ALA A 59 5.66 -6.73 10.05
N VAL A 60 5.47 -5.54 9.44
CA VAL A 60 6.16 -5.28 8.14
C VAL A 60 7.68 -5.15 8.39
N GLN A 61 8.07 -4.71 9.57
CA GLN A 61 9.52 -4.59 9.94
C GLN A 61 10.05 -5.99 10.20
N GLU A 62 9.39 -6.75 11.07
CA GLU A 62 9.86 -8.11 11.45
C GLU A 62 9.88 -9.04 10.25
N GLY A 63 8.80 -9.07 9.47
CA GLY A 63 8.66 -10.08 8.40
C GLY A 63 9.39 -9.74 7.11
N PHE A 64 9.44 -8.46 6.73
CA PHE A 64 10.02 -8.04 5.43
C PHE A 64 11.15 -7.01 5.55
N ASN A 65 11.46 -6.46 6.73
CA ASN A 65 12.44 -5.35 6.87
C ASN A 65 11.99 -4.12 6.09
N PHE A 66 10.69 -3.83 6.10
CA PHE A 66 10.18 -2.53 5.64
C PHE A 66 10.80 -1.46 6.55
N ASP A 67 11.23 -0.33 6.00
CA ASP A 67 11.85 0.72 6.83
C ASP A 67 10.79 1.39 7.70
N ASN A 68 11.22 1.86 8.86
CA ASN A 68 10.35 2.41 9.93
C ASN A 68 9.62 3.66 9.45
N GLN A 69 10.30 4.57 8.77
CA GLN A 69 9.65 5.83 8.35
C GLN A 69 8.51 5.50 7.35
N ALA A 70 8.78 4.63 6.39
CA ALA A 70 7.78 4.29 5.35
C ALA A 70 6.62 3.53 6.01
N ALA A 71 6.92 2.62 6.97
CA ALA A 71 5.92 1.81 7.68
C ALA A 71 4.97 2.75 8.42
N ILE A 72 5.53 3.69 9.14
CA ILE A 72 4.74 4.71 9.87
C ILE A 72 3.87 5.52 8.89
N PHE A 73 4.44 6.06 7.82
CA PHE A 73 3.64 6.91 6.90
C PHE A 73 2.48 6.07 6.33
N ALA A 74 2.76 4.90 5.76
CA ALA A 74 1.73 4.08 5.08
C ALA A 74 0.69 3.63 6.11
N THR A 75 1.13 3.18 7.30
CA THR A 75 0.21 2.59 8.31
C THR A 75 -0.76 3.65 8.82
N TYR A 76 -0.26 4.80 9.26
CA TYR A 76 -1.14 5.86 9.83
C TYR A 76 -1.93 6.52 8.71
N ALA A 77 -1.44 6.60 7.48
CA ALA A 77 -2.28 7.07 6.36
C ALA A 77 -3.49 6.14 6.21
N ALA A 78 -3.22 4.83 6.11
CA ALA A 78 -4.27 3.83 5.93
C ALA A 78 -5.25 3.86 7.11
N HIS A 79 -4.75 3.90 8.33
CA HIS A 79 -5.62 3.87 9.53
C HIS A 79 -6.49 5.12 9.58
N LEU A 80 -5.91 6.29 9.33
CA LEU A 80 -6.68 7.56 9.34
C LEU A 80 -7.86 7.50 8.37
N VAL A 81 -7.70 6.87 7.20
CA VAL A 81 -8.80 6.93 6.19
C VAL A 81 -9.68 5.68 6.17
N ASP A 82 -9.21 4.54 6.66
CA ASP A 82 -9.85 3.23 6.48
C ASP A 82 -10.07 2.51 7.82
N GLY A 83 -9.47 2.95 8.91
CA GLY A 83 -9.49 2.25 10.21
C GLY A 83 -10.43 2.91 11.23
N ASN A 84 -10.73 2.22 12.33
CA ASN A 84 -11.62 2.77 13.37
C ASN A 84 -10.75 3.48 14.39
N LEU A 85 -10.84 4.78 14.44
CA LEU A 85 -9.88 5.60 15.23
C LEU A 85 -10.15 5.39 16.72
N ILE A 86 -11.38 4.98 17.08
CA ILE A 86 -11.76 4.82 18.50
C ILE A 86 -11.24 3.47 19.03
N THR A 87 -11.47 2.39 18.32
CA THR A 87 -11.00 1.04 18.71
C THR A 87 -9.54 0.81 18.34
N ASP A 88 -8.98 1.61 17.43
CA ASP A 88 -7.57 1.43 16.97
C ASP A 88 -7.45 0.17 16.08
N LEU A 89 -8.52 -0.24 15.40
CA LEU A 89 -8.54 -1.47 14.60
C LEU A 89 -8.73 -1.14 13.11
N LEU A 90 -7.97 -1.83 12.27
CA LEU A 90 -8.05 -1.67 10.78
C LEU A 90 -8.20 -3.03 10.14
N SER A 91 -9.13 -3.15 9.18
CA SER A 91 -9.22 -4.33 8.31
C SER A 91 -8.19 -4.21 7.19
N ILE A 92 -7.46 -5.28 6.88
CA ILE A 92 -6.50 -5.26 5.73
C ILE A 92 -7.25 -5.55 4.42
N GLY A 93 -8.57 -5.70 4.49
CA GLY A 93 -9.39 -5.89 3.28
C GLY A 93 -10.75 -5.27 3.41
N ARG A 94 -11.80 -6.10 3.38
CA ARG A 94 -13.18 -5.58 3.35
C ARG A 94 -13.59 -4.91 4.64
N LYS A 95 -14.60 -4.07 4.54
CA LYS A 95 -15.30 -3.46 5.69
C LYS A 95 -15.85 -4.59 6.54
N THR A 96 -15.70 -4.48 7.86
CA THR A 96 -16.13 -5.54 8.81
C THR A 96 -16.68 -4.92 10.08
N ARG A 97 -17.64 -5.59 10.69
CA ARG A 97 -18.14 -5.28 12.05
C ARG A 97 -16.97 -5.41 13.03
N LEU A 98 -15.97 -6.21 12.71
CA LEU A 98 -14.93 -6.54 13.74
C LEU A 98 -14.16 -5.30 14.15
N THR A 99 -14.10 -4.23 13.33
CA THR A 99 -13.32 -3.03 13.67
C THR A 99 -14.08 -2.10 14.62
N GLY A 100 -15.36 -2.36 14.83
CA GLY A 100 -16.16 -1.55 15.76
C GLY A 100 -17.41 -1.01 15.09
N PRO A 101 -18.23 -0.28 15.86
CA PRO A 101 -19.48 0.25 15.33
C PRO A 101 -19.21 1.17 14.13
N ASP A 102 -20.01 1.07 13.08
N ASP A 102 -20.09 1.07 13.12
CA ASP A 102 -19.82 1.87 11.85
CA ASP A 102 -20.30 2.08 12.03
C ASP A 102 -20.02 3.33 12.25
C ASP A 102 -19.91 3.43 12.58
N PRO A 103 -19.02 4.21 11.95
CA PRO A 103 -18.87 5.57 12.44
C PRO A 103 -19.94 6.42 11.76
N PRO A 104 -20.22 7.62 12.27
CA PRO A 104 -21.20 8.48 11.62
C PRO A 104 -20.60 8.98 10.30
N PRO A 105 -21.43 9.09 9.26
CA PRO A 105 -20.95 9.65 8.00
C PRO A 105 -20.44 11.07 8.22
N PRO A 106 -19.55 11.56 7.34
CA PRO A 106 -19.18 10.84 6.12
C PRO A 106 -17.96 9.91 6.28
N ALA A 107 -17.53 9.62 7.50
CA ALA A 107 -16.44 8.62 7.66
C ALA A 107 -16.95 7.28 7.10
N SER A 108 -16.10 6.44 6.55
CA SER A 108 -16.48 5.16 5.92
C SER A 108 -15.92 3.96 6.68
N VAL A 109 -14.73 4.07 7.28
CA VAL A 109 -14.06 2.95 8.01
C VAL A 109 -14.27 1.63 7.24
N GLY A 110 -13.87 1.65 5.99
CA GLY A 110 -14.16 0.62 4.97
C GLY A 110 -13.06 -0.42 4.83
N GLY A 111 -12.00 -0.37 5.64
CA GLY A 111 -10.85 -1.28 5.44
C GLY A 111 -10.01 -0.87 4.24
N LEU A 112 -8.92 -1.56 4.00
CA LEU A 112 -8.00 -1.22 2.87
C LEU A 112 -8.72 -1.41 1.52
N ASN A 113 -9.82 -2.16 1.49
CA ASN A 113 -10.63 -2.32 0.25
C ASN A 113 -11.30 -0.99 -0.15
N GLU A 114 -11.37 0.01 0.71
CA GLU A 114 -12.15 1.23 0.40
C GLU A 114 -11.47 1.98 -0.77
N HIS A 115 -12.18 2.16 -1.88
CA HIS A 115 -11.61 2.81 -3.08
C HIS A 115 -11.48 4.32 -2.85
N GLY A 116 -10.34 4.87 -3.23
CA GLY A 116 -10.18 6.33 -3.34
C GLY A 116 -9.64 6.94 -2.07
N THR A 117 -9.46 6.16 -1.00
CA THR A 117 -8.90 6.66 0.27
C THR A 117 -7.39 6.37 0.26
N PHE A 118 -7.03 5.09 0.28
CA PHE A 118 -5.67 4.58 0.05
C PHE A 118 -5.67 3.85 -1.29
N GLU A 119 -6.43 2.76 -1.38
CA GLU A 119 -6.49 1.91 -2.57
C GLU A 119 -6.86 2.77 -3.79
N GLY A 120 -6.26 2.46 -4.94
CA GLY A 120 -6.67 3.14 -6.17
C GLY A 120 -6.29 2.38 -7.42
N ASP A 121 -6.47 3.06 -8.53
CA ASP A 121 -6.44 2.43 -9.88
C ASP A 121 -5.01 2.09 -10.32
N ALA A 122 -4.93 1.30 -11.39
CA ALA A 122 -3.71 0.87 -12.08
C ALA A 122 -2.82 0.05 -11.17
N SER A 123 -3.43 -0.72 -10.28
CA SER A 123 -2.75 -1.78 -9.52
C SER A 123 -2.19 -2.83 -10.50
N MET A 124 -1.10 -3.48 -10.13
CA MET A 124 -0.39 -4.44 -11.00
C MET A 124 -1.22 -5.73 -11.13
N THR A 125 -1.81 -6.22 -10.04
CA THR A 125 -2.43 -7.59 -10.05
C THR A 125 -3.87 -7.55 -9.59
N ARG A 126 -4.43 -6.37 -9.32
CA ARG A 126 -5.80 -6.14 -8.88
C ARG A 126 -6.48 -5.26 -9.92
N GLY A 127 -7.78 -5.47 -10.15
CA GLY A 127 -8.56 -4.64 -11.09
C GLY A 127 -8.90 -3.29 -10.48
N ASP A 128 -9.21 -2.28 -11.30
CA ASP A 128 -9.80 -0.99 -10.86
C ASP A 128 -11.19 -1.18 -10.23
N ALA A 129 -11.48 -0.41 -9.18
CA ALA A 129 -12.76 -0.46 -8.43
C ALA A 129 -13.94 -0.31 -9.41
N PHE A 130 -13.79 0.57 -10.41
CA PHE A 130 -14.82 0.82 -11.44
C PHE A 130 -15.37 -0.50 -12.01
N PHE A 131 -14.53 -1.50 -12.25
CA PHE A 131 -14.89 -2.79 -12.89
C PHE A 131 -15.53 -3.77 -11.87
N GLY A 132 -15.49 -3.48 -10.56
CA GLY A 132 -16.28 -4.19 -9.52
C GLY A 132 -15.46 -5.01 -8.53
N ASN A 133 -14.17 -5.24 -8.77
CA ASN A 133 -13.34 -6.00 -7.78
C ASN A 133 -11.94 -5.40 -7.69
N ASN A 134 -11.64 -4.72 -6.57
CA ASN A 134 -10.36 -3.97 -6.43
C ASN A 134 -9.41 -4.72 -5.52
N HIS A 135 -9.68 -5.97 -5.12
CA HIS A 135 -8.83 -6.57 -4.05
C HIS A 135 -8.38 -7.99 -4.41
N ASP A 136 -9.16 -8.75 -5.19
CA ASP A 136 -8.74 -10.15 -5.45
C ASP A 136 -7.60 -10.17 -6.48
N PHE A 137 -6.75 -11.18 -6.36
CA PHE A 137 -5.75 -11.52 -7.37
C PHE A 137 -6.44 -11.78 -8.72
N ASN A 138 -5.91 -11.18 -9.78
CA ASN A 138 -6.46 -11.26 -11.16
C ASN A 138 -5.41 -11.96 -12.05
N GLU A 139 -5.72 -13.15 -12.58
CA GLU A 139 -4.71 -13.97 -13.30
C GLU A 139 -4.29 -13.29 -14.61
N THR A 140 -5.20 -12.59 -15.27
CA THR A 140 -4.92 -11.85 -16.54
C THR A 140 -3.87 -10.77 -16.26
N LEU A 141 -4.03 -10.05 -15.15
CA LEU A 141 -3.03 -9.02 -14.77
C LEU A 141 -1.73 -9.71 -14.36
N PHE A 142 -1.72 -10.79 -13.57
CA PHE A 142 -0.49 -11.48 -13.20
C PHE A 142 0.20 -11.97 -14.48
N GLU A 143 -0.56 -12.52 -15.43
CA GLU A 143 0.07 -13.08 -16.67
C GLU A 143 0.80 -11.93 -17.37
N GLN A 144 0.21 -10.74 -17.35
CA GLN A 144 0.84 -9.51 -17.94
C GLN A 144 2.12 -9.17 -17.17
N LEU A 145 2.14 -9.28 -15.84
CA LEU A 145 3.39 -9.08 -15.07
C LEU A 145 4.46 -10.09 -15.52
N VAL A 146 4.06 -11.35 -15.77
CA VAL A 146 5.01 -12.43 -16.21
C VAL A 146 5.55 -12.05 -17.61
N ASP A 147 4.67 -11.68 -18.49
CA ASP A 147 4.97 -11.25 -19.87
C ASP A 147 5.96 -10.07 -19.85
N TYR A 148 5.72 -9.04 -19.03
CA TYR A 148 6.59 -7.84 -18.96
C TYR A 148 7.92 -8.25 -18.33
N SER A 149 7.94 -9.22 -17.41
CA SER A 149 9.17 -9.79 -16.82
C SER A 149 9.98 -10.53 -17.91
N ASN A 150 9.29 -11.28 -18.76
CA ASN A 150 9.97 -12.00 -19.87
C ASN A 150 10.57 -10.96 -20.83
N ARG A 151 9.78 -9.96 -21.26
CA ARG A 151 10.19 -8.89 -22.23
C ARG A 151 11.36 -8.03 -21.68
N PHE A 152 11.31 -7.59 -20.43
CA PHE A 152 12.19 -6.49 -19.95
C PHE A 152 13.12 -6.97 -18.85
N GLY A 153 12.91 -8.16 -18.29
CA GLY A 153 13.66 -8.63 -17.12
C GLY A 153 14.33 -10.00 -17.27
N GLY A 154 14.45 -10.51 -18.48
CA GLY A 154 15.02 -11.86 -18.69
C GLY A 154 14.26 -12.92 -17.90
N GLY A 155 12.95 -12.71 -17.74
CA GLY A 155 12.05 -13.63 -17.03
C GLY A 155 11.91 -13.34 -15.54
N LYS A 156 12.59 -12.31 -15.04
CA LYS A 156 12.52 -11.91 -13.62
C LYS A 156 11.90 -10.52 -13.57
N TYR A 157 11.27 -10.18 -12.44
CA TYR A 157 10.73 -8.81 -12.25
C TYR A 157 11.84 -7.98 -11.63
N ASN A 158 12.08 -6.79 -12.18
CA ASN A 158 13.11 -5.88 -11.64
C ASN A 158 12.61 -4.45 -11.89
N LEU A 159 13.38 -3.45 -11.48
CA LEU A 159 12.99 -2.03 -11.64
C LEU A 159 12.74 -1.70 -13.11
N THR A 160 13.47 -2.30 -14.07
CA THR A 160 13.20 -2.03 -15.50
C THR A 160 11.79 -2.53 -15.86
N VAL A 161 11.45 -3.74 -15.41
CA VAL A 161 10.09 -4.29 -15.69
C VAL A 161 9.05 -3.38 -15.02
N ALA A 162 9.32 -2.97 -13.77
CA ALA A 162 8.41 -2.06 -13.01
C ALA A 162 8.10 -0.83 -13.86
N GLY A 163 9.12 -0.17 -14.42
CA GLY A 163 8.89 1.03 -15.26
C GLY A 163 7.94 0.80 -16.42
N GLU A 164 8.08 -0.33 -17.11
CA GLU A 164 7.23 -0.60 -18.31
C GLU A 164 5.82 -1.01 -17.87
N LEU A 165 5.74 -1.86 -16.85
CA LEU A 165 4.40 -2.37 -16.42
C LEU A 165 3.56 -1.25 -15.77
N ARG A 166 4.19 -0.40 -14.95
CA ARG A 166 3.50 0.78 -14.37
C ARG A 166 2.82 1.58 -15.48
N PHE A 167 3.55 1.84 -16.58
CA PHE A 167 3.00 2.69 -17.67
C PHE A 167 1.86 1.94 -18.37
N LYS A 168 2.06 0.65 -18.63
CA LYS A 168 1.04 -0.16 -19.34
C LYS A 168 -0.27 -0.15 -18.55
N ARG A 169 -0.19 -0.25 -17.23
CA ARG A 169 -1.39 -0.26 -16.37
C ARG A 169 -2.07 1.08 -16.39
N ILE A 170 -1.30 2.19 -16.36
CA ILE A 170 -1.89 3.54 -16.51
C ILE A 170 -2.63 3.61 -17.87
N GLN A 171 -1.98 3.15 -18.94
CA GLN A 171 -2.54 3.24 -20.31
C GLN A 171 -3.79 2.35 -20.37
N ASP A 172 -3.70 1.12 -19.85
CA ASP A 172 -4.87 0.18 -19.71
C ASP A 172 -6.03 0.97 -19.06
N SER A 173 -5.81 1.62 -17.92
CA SER A 173 -6.91 2.31 -17.19
C SER A 173 -7.41 3.54 -17.98
N ILE A 174 -6.54 4.31 -18.63
CA ILE A 174 -7.03 5.49 -19.42
C ILE A 174 -8.00 4.99 -20.51
N ALA A 175 -7.68 3.88 -21.14
CA ALA A 175 -8.41 3.36 -22.34
C ALA A 175 -9.74 2.69 -21.94
N THR A 176 -9.91 2.26 -20.67
CA THR A 176 -11.03 1.34 -20.25
C THR A 176 -11.84 1.87 -19.07
N ASN A 177 -11.34 2.82 -18.28
CA ASN A 177 -12.00 3.20 -17.02
C ASN A 177 -12.38 4.67 -17.07
N PRO A 178 -13.68 5.00 -17.26
CA PRO A 178 -14.11 6.40 -17.36
C PRO A 178 -13.93 7.19 -16.06
N ASN A 179 -13.72 6.51 -14.94
CA ASN A 179 -13.55 7.18 -13.61
C ASN A 179 -12.06 7.10 -13.17
N PHE A 180 -11.16 6.72 -14.06
CA PHE A 180 -9.71 6.58 -13.74
C PHE A 180 -9.24 7.86 -13.07
N SER A 181 -8.57 7.70 -11.92
CA SER A 181 -8.05 8.81 -11.10
C SER A 181 -6.57 8.49 -10.79
N PHE A 182 -5.68 9.45 -11.01
CA PHE A 182 -4.22 9.22 -10.86
C PHE A 182 -3.56 10.53 -10.40
N VAL A 183 -3.95 10.96 -9.21
CA VAL A 183 -3.52 12.25 -8.64
C VAL A 183 -3.04 11.97 -7.22
N ASP A 184 -2.35 12.96 -6.67
CA ASP A 184 -2.08 13.11 -5.22
C ASP A 184 -1.65 11.76 -4.65
N PHE A 185 -2.37 11.23 -3.66
CA PHE A 185 -1.81 10.11 -2.86
C PHE A 185 -1.63 8.85 -3.72
N ARG A 186 -2.55 8.60 -4.64
CA ARG A 186 -2.44 7.38 -5.47
C ARG A 186 -1.30 7.51 -6.48
N PHE A 187 -1.11 8.70 -7.03
CA PHE A 187 0.03 8.97 -7.94
C PHE A 187 1.31 8.55 -7.23
N PHE A 188 1.48 8.92 -5.96
CA PHE A 188 2.69 8.50 -5.19
CA PHE A 188 2.64 8.52 -5.12
C PHE A 188 2.72 6.98 -4.97
N THR A 189 1.68 6.39 -4.41
CA THR A 189 1.73 4.97 -4.00
C THR A 189 1.85 4.06 -5.21
N ALA A 190 1.19 4.43 -6.31
CA ALA A 190 1.17 3.59 -7.50
C ALA A 190 2.61 3.38 -8.00
N TYR A 191 3.49 4.39 -7.91
CA TYR A 191 4.89 4.18 -8.34
C TYR A 191 5.69 3.43 -7.27
N GLY A 192 5.60 3.78 -6.00
CA GLY A 192 6.38 3.10 -4.95
C GLY A 192 6.10 1.60 -4.91
N GLU A 193 4.83 1.23 -5.01
CA GLU A 193 4.37 -0.19 -4.90
CA GLU A 193 4.40 -0.19 -4.88
C GLU A 193 5.09 -1.05 -5.94
N THR A 194 5.36 -0.50 -7.12
CA THR A 194 5.99 -1.31 -8.20
C THR A 194 7.45 -1.65 -7.81
N THR A 195 8.08 -0.93 -6.88
CA THR A 195 9.45 -1.28 -6.43
C THR A 195 9.45 -2.40 -5.39
N PHE A 196 8.36 -2.56 -4.63
CA PHE A 196 8.36 -3.42 -3.44
C PHE A 196 8.70 -4.86 -3.81
N PRO A 197 8.22 -5.43 -4.93
CA PRO A 197 8.56 -6.81 -5.26
C PRO A 197 10.07 -6.99 -5.43
N ALA A 198 10.74 -6.01 -6.05
CA ALA A 198 12.21 -6.08 -6.29
C ALA A 198 12.95 -5.92 -4.97
N ASN A 199 12.47 -5.04 -4.10
CA ASN A 199 13.19 -4.64 -2.87
C ASN A 199 12.92 -5.60 -1.70
N LEU A 200 11.74 -6.22 -1.65
CA LEU A 200 11.28 -6.88 -0.42
C LEU A 200 10.89 -8.35 -0.64
N PHE A 201 10.44 -8.74 -1.83
CA PHE A 201 10.05 -10.14 -2.13
C PHE A 201 11.24 -10.98 -2.59
N VAL A 202 12.36 -10.31 -2.86
CA VAL A 202 13.64 -10.99 -3.22
C VAL A 202 14.34 -11.50 -1.96
N ASP A 203 14.68 -12.79 -1.94
CA ASP A 203 15.36 -13.44 -0.79
C ASP A 203 16.54 -12.59 -0.34
N GLY A 204 16.68 -12.35 0.96
CA GLY A 204 17.62 -11.39 1.56
C GLY A 204 19.07 -11.85 1.43
N ARG A 205 19.28 -13.14 1.18
CA ARG A 205 20.66 -13.68 1.04
C ARG A 205 21.21 -13.24 -0.32
N ARG A 206 20.32 -12.93 -1.27
CA ARG A 206 20.68 -12.55 -2.65
C ARG A 206 20.53 -11.03 -2.82
N ASP A 207 19.38 -10.46 -2.43
CA ASP A 207 19.14 -9.00 -2.47
C ASP A 207 19.73 -8.39 -3.75
N ASP A 208 19.37 -8.89 -4.92
CA ASP A 208 19.90 -8.41 -6.23
C ASP A 208 18.78 -7.72 -7.04
N GLY A 209 17.59 -7.57 -6.46
CA GLY A 209 16.46 -6.90 -7.13
C GLY A 209 15.88 -7.67 -8.28
N GLN A 210 16.13 -8.98 -8.38
CA GLN A 210 15.58 -9.79 -9.49
C GLN A 210 14.62 -10.82 -8.89
N LEU A 211 13.31 -10.66 -9.09
CA LEU A 211 12.29 -11.55 -8.45
C LEU A 211 11.88 -12.64 -9.45
N ASP A 212 11.96 -13.90 -9.08
CA ASP A 212 11.58 -15.03 -9.97
C ASP A 212 10.05 -15.13 -9.94
N MET A 213 9.44 -15.69 -10.96
CA MET A 213 7.97 -15.65 -11.13
C MET A 213 7.28 -16.63 -10.17
N ASP A 214 7.97 -17.66 -9.68
CA ASP A 214 7.39 -18.61 -8.69
C ASP A 214 7.19 -17.84 -7.37
N ALA A 215 8.22 -17.15 -6.89
CA ALA A 215 8.09 -16.29 -5.69
C ALA A 215 7.02 -15.23 -5.93
N ALA A 216 7.00 -14.60 -7.10
CA ALA A 216 6.07 -13.50 -7.42
C ALA A 216 4.64 -14.04 -7.26
N ARG A 217 4.38 -15.25 -7.75
CA ARG A 217 3.01 -15.78 -7.71
C ARG A 217 2.64 -16.10 -6.26
N SER A 218 3.57 -16.69 -5.53
CA SER A 218 3.38 -17.16 -4.15
C SER A 218 2.91 -15.96 -3.31
N PHE A 219 3.62 -14.83 -3.38
CA PHE A 219 3.22 -13.57 -2.67
C PHE A 219 1.93 -12.98 -3.22
N PHE A 220 1.87 -12.70 -4.52
CA PHE A 220 0.73 -11.93 -5.08
C PHE A 220 -0.61 -12.68 -4.97
N GLN A 221 -0.57 -13.99 -5.22
CA GLN A 221 -1.78 -14.85 -5.30
C GLN A 221 -2.05 -15.52 -3.97
N PHE A 222 -1.09 -16.25 -3.41
CA PHE A 222 -1.36 -17.11 -2.24
C PHE A 222 -0.97 -16.48 -0.91
N SER A 223 -0.43 -15.25 -0.88
CA SER A 223 0.02 -14.60 0.38
C SER A 223 1.00 -15.52 1.13
N ARG A 224 1.95 -16.09 0.43
CA ARG A 224 2.81 -17.17 0.97
CA ARG A 224 2.80 -17.18 0.95
C ARG A 224 4.27 -16.91 0.61
N MET A 225 5.10 -16.83 1.64
CA MET A 225 6.57 -16.77 1.52
C MET A 225 7.06 -18.05 0.86
N PRO A 226 8.04 -17.91 -0.05
CA PRO A 226 8.81 -19.07 -0.53
C PRO A 226 9.30 -19.93 0.64
N ASP A 227 9.47 -21.23 0.42
CA ASP A 227 10.20 -22.16 1.35
C ASP A 227 11.55 -21.53 1.74
N ASP A 228 11.84 -21.48 3.04
CA ASP A 228 13.14 -21.00 3.56
C ASP A 228 13.33 -19.51 3.18
N PHE A 229 12.26 -18.72 3.08
CA PHE A 229 12.43 -17.30 2.70
C PHE A 229 13.18 -16.53 3.77
N PHE A 230 14.22 -15.79 3.37
CA PHE A 230 14.94 -14.84 4.25
C PHE A 230 14.49 -13.42 3.87
N ARG A 231 14.19 -12.61 4.87
CA ARG A 231 13.83 -11.19 4.65
C ARG A 231 15.09 -10.46 4.17
N ALA A 232 14.91 -9.30 3.55
CA ALA A 232 15.97 -8.36 3.12
C ALA A 232 16.98 -8.13 4.24
N PRO A 233 18.25 -7.83 3.89
CA PRO A 233 19.32 -7.66 4.87
C PRO A 233 19.44 -6.29 5.54
N SER A 234 18.55 -5.36 5.22
CA SER A 234 18.55 -4.00 5.82
C SER A 234 17.14 -3.46 5.61
N PRO A 235 16.75 -2.40 6.34
CA PRO A 235 15.44 -1.82 6.16
C PRO A 235 15.39 -1.06 4.83
N ARG A 236 14.30 -1.23 4.09
CA ARG A 236 14.06 -0.46 2.85
C ARG A 236 12.57 -0.46 2.50
N SER A 237 12.20 0.37 1.55
CA SER A 237 10.83 0.38 1.00
C SER A 237 10.93 0.62 -0.51
N GLY A 238 10.92 1.89 -0.89
CA GLY A 238 10.70 2.31 -2.28
C GLY A 238 11.99 2.65 -3.01
N THR A 239 13.10 1.99 -2.69
CA THR A 239 14.38 2.23 -3.38
C THR A 239 14.21 2.06 -4.89
N GLY A 240 14.69 3.04 -5.67
CA GLY A 240 14.61 2.95 -7.14
C GLY A 240 13.31 3.51 -7.69
N VAL A 241 12.41 4.04 -6.85
CA VAL A 241 11.13 4.60 -7.34
C VAL A 241 11.37 5.61 -8.49
N GLU A 242 12.45 6.40 -8.42
CA GLU A 242 12.68 7.45 -9.47
C GLU A 242 12.91 6.81 -10.85
N VAL A 243 13.51 5.63 -10.86
CA VAL A 243 13.73 4.84 -12.10
C VAL A 243 12.38 4.52 -12.75
N VAL A 244 11.40 4.10 -11.94
CA VAL A 244 10.05 3.75 -12.46
C VAL A 244 9.35 5.04 -12.90
N VAL A 245 9.44 6.10 -12.11
CA VAL A 245 8.75 7.39 -12.43
C VAL A 245 9.27 7.92 -13.78
N GLN A 246 10.56 7.84 -14.01
CA GLN A 246 11.18 8.47 -15.21
C GLN A 246 11.12 7.53 -16.42
N ALA A 247 10.81 6.25 -16.24
CA ALA A 247 10.74 5.31 -17.40
C ALA A 247 9.74 5.87 -18.42
N HIS A 248 8.61 6.33 -17.96
CA HIS A 248 7.52 6.89 -18.79
C HIS A 248 6.92 8.05 -18.01
N PRO A 249 7.58 9.22 -18.05
CA PRO A 249 7.14 10.34 -17.21
C PRO A 249 5.67 10.72 -17.48
N MET A 250 4.90 10.80 -16.40
CA MET A 250 3.48 11.16 -16.41
C MET A 250 3.24 12.41 -15.58
N GLN A 251 2.29 13.23 -16.01
CA GLN A 251 1.64 14.26 -15.17
C GLN A 251 0.49 13.59 -14.45
N PRO A 252 0.24 13.92 -13.18
CA PRO A 252 -0.98 13.46 -12.50
C PRO A 252 -2.25 14.00 -13.15
N GLY A 253 -3.28 13.17 -13.22
CA GLY A 253 -4.55 13.55 -13.84
C GLY A 253 -5.62 12.51 -13.66
N ARG A 254 -6.71 12.68 -14.39
CA ARG A 254 -7.85 11.75 -14.32
C ARG A 254 -8.56 11.74 -15.67
N ASN A 255 -9.25 10.64 -15.96
CA ASN A 255 -10.36 10.66 -16.96
C ASN A 255 -11.48 11.56 -16.45
N VAL A 256 -12.19 12.32 -17.31
CA VAL A 256 -13.31 13.19 -16.85
C VAL A 256 -14.63 12.57 -17.31
N GLY A 257 -14.87 11.31 -16.98
CA GLY A 257 -16.21 10.68 -17.07
C GLY A 257 -16.39 9.93 -18.38
N LYS A 258 -15.36 9.87 -19.20
CA LYS A 258 -15.29 8.99 -20.39
C LYS A 258 -13.88 8.44 -20.51
N ILE A 259 -13.75 7.32 -21.19
CA ILE A 259 -12.44 6.70 -21.51
C ILE A 259 -11.67 7.69 -22.39
N ASN A 260 -10.34 7.52 -22.42
CA ASN A 260 -9.39 8.32 -23.23
C ASN A 260 -9.71 9.81 -23.08
N SER A 261 -9.79 10.33 -21.87
CA SER A 261 -10.06 11.77 -21.59
C SER A 261 -9.11 12.25 -20.48
N TYR A 262 -7.90 11.71 -20.46
CA TYR A 262 -6.96 11.95 -19.32
C TYR A 262 -6.61 13.44 -19.31
N THR A 263 -6.99 14.13 -18.25
CA THR A 263 -6.86 15.59 -18.05
C THR A 263 -5.90 15.81 -16.89
N VAL A 264 -4.81 16.53 -17.14
CA VAL A 264 -3.82 16.88 -16.08
C VAL A 264 -4.51 17.70 -15.00
N ASP A 265 -4.23 17.37 -13.75
CA ASP A 265 -4.70 18.15 -12.58
C ASP A 265 -3.56 19.04 -12.11
N PRO A 266 -3.64 20.37 -12.38
CA PRO A 266 -2.56 21.28 -11.98
C PRO A 266 -2.48 21.51 -10.47
N THR A 267 -3.47 21.08 -9.70
CA THR A 267 -3.49 21.28 -8.24
C THR A 267 -2.85 20.06 -7.57
N SER A 268 -2.62 18.99 -8.31
CA SER A 268 -2.05 17.71 -7.76
C SER A 268 -0.58 17.90 -7.40
N SER A 269 -0.16 17.25 -6.32
CA SER A 269 1.26 17.02 -6.00
C SER A 269 1.84 16.05 -7.05
N ASP A 270 3.15 15.96 -7.10
CA ASP A 270 3.88 14.94 -7.90
C ASP A 270 5.18 14.66 -7.16
N PHE A 271 6.15 14.00 -7.78
CA PHE A 271 7.37 13.57 -7.04
C PHE A 271 8.28 14.77 -6.75
N SER A 272 8.02 15.91 -7.36
CA SER A 272 8.77 17.15 -7.03
C SER A 272 8.17 17.83 -5.78
N THR A 273 6.95 17.49 -5.34
CA THR A 273 6.24 18.16 -4.21
C THR A 273 5.72 17.15 -3.18
N PRO A 274 6.59 16.34 -2.53
CA PRO A 274 6.14 15.42 -1.49
C PRO A 274 5.50 16.11 -0.28
N CYS A 275 5.86 17.36 0.06
CA CYS A 275 5.19 18.04 1.17
C CYS A 275 3.75 18.40 0.81
N LEU A 276 3.47 18.82 -0.43
CA LEU A 276 2.08 19.08 -0.88
C LEU A 276 1.26 17.78 -0.83
N MET A 277 1.86 16.65 -1.17
CA MET A 277 1.12 15.37 -1.15
C MET A 277 0.64 15.11 0.29
N TYR A 278 1.52 15.31 1.28
CA TYR A 278 1.20 15.13 2.71
C TYR A 278 0.13 16.17 3.11
N GLU A 279 0.33 17.42 2.75
CA GLU A 279 -0.63 18.53 3.08
C GLU A 279 -2.02 18.21 2.54
N LYS A 280 -2.14 17.79 1.29
CA LYS A 280 -3.45 17.49 0.70
C LYS A 280 -4.04 16.21 1.33
N PHE A 281 -3.23 15.21 1.62
CA PHE A 281 -3.75 13.98 2.27
C PHE A 281 -4.45 14.35 3.59
N VAL A 282 -3.78 15.13 4.44
CA VAL A 282 -4.33 15.49 5.78
C VAL A 282 -5.45 16.56 5.66
N ASN A 283 -5.25 17.60 4.87
CA ASN A 283 -6.16 18.77 4.83
C ASN A 283 -7.30 18.61 3.83
N ILE A 284 -7.27 17.63 2.94
CA ILE A 284 -8.39 17.34 2.01
C ILE A 284 -8.92 15.94 2.26
N THR A 285 -8.13 14.89 2.14
CA THR A 285 -8.64 13.50 2.18
C THR A 285 -9.11 13.18 3.61
N VAL A 286 -8.28 13.37 4.62
CA VAL A 286 -8.67 13.03 6.02
C VAL A 286 -9.79 13.99 6.44
N LYS A 287 -9.64 15.25 6.12
CA LYS A 287 -10.61 16.32 6.51
C LYS A 287 -11.99 16.00 5.93
N SER A 288 -12.06 15.50 4.71
CA SER A 288 -13.31 15.14 3.97
C SER A 288 -14.06 14.02 4.69
N LEU A 289 -13.34 13.11 5.36
CA LEU A 289 -13.94 11.96 6.09
C LEU A 289 -14.41 12.43 7.47
N TYR A 290 -13.70 13.41 8.07
CA TYR A 290 -13.89 13.93 9.44
C TYR A 290 -13.92 15.45 9.40
N PRO A 291 -14.95 16.07 8.76
CA PRO A 291 -15.03 17.51 8.59
C PRO A 291 -15.29 18.32 9.87
N ASN A 292 -15.99 17.74 10.86
CA ASN A 292 -16.25 18.46 12.14
C ASN A 292 -16.30 17.44 13.27
N PRO A 293 -15.15 16.83 13.61
CA PRO A 293 -15.18 15.67 14.49
C PRO A 293 -15.67 16.10 15.89
N THR A 294 -16.35 15.17 16.57
CA THR A 294 -16.67 15.28 18.01
C THR A 294 -15.37 15.47 18.78
N VAL A 295 -15.46 15.94 20.01
CA VAL A 295 -14.29 16.07 20.94
C VAL A 295 -13.47 14.76 20.95
N GLN A 296 -14.11 13.62 21.16
CA GLN A 296 -13.46 12.27 21.29
C GLN A 296 -12.70 11.91 19.98
N LEU A 297 -13.37 12.02 18.83
CA LEU A 297 -12.80 11.69 17.50
C LEU A 297 -11.67 12.68 17.17
N ARG A 298 -11.84 13.96 17.50
CA ARG A 298 -10.79 14.99 17.26
C ARG A 298 -9.51 14.59 17.97
N LYS A 299 -9.59 14.14 19.22
CA LYS A 299 -8.40 13.71 19.98
C LYS A 299 -7.73 12.50 19.30
N ALA A 300 -8.52 11.52 18.89
CA ALA A 300 -7.96 10.33 18.19
C ALA A 300 -7.34 10.76 16.86
N LEU A 301 -8.00 11.66 16.11
CA LEU A 301 -7.48 12.17 14.82
C LEU A 301 -6.13 12.86 15.08
N ASN A 302 -6.04 13.75 16.05
CA ASN A 302 -4.79 14.52 16.27
C ASN A 302 -3.67 13.56 16.68
N THR A 303 -3.94 12.53 17.47
CA THR A 303 -2.89 11.58 17.94
C THR A 303 -2.35 10.85 16.71
N ASN A 304 -3.26 10.33 15.89
CA ASN A 304 -2.86 9.54 14.68
C ASN A 304 -2.21 10.45 13.65
N LEU A 305 -2.66 11.71 13.48
CA LEU A 305 -1.99 12.72 12.62
C LEU A 305 -0.59 13.07 13.14
N ASP A 306 -0.37 13.12 14.44
CA ASP A 306 0.98 13.31 15.01
C ASP A 306 1.84 12.13 14.60
N PHE A 307 1.28 10.93 14.64
CA PHE A 307 2.05 9.70 14.35
C PHE A 307 2.38 9.75 12.85
N LEU A 308 1.39 10.05 12.01
CA LEU A 308 1.61 10.13 10.56
C LEU A 308 2.79 11.07 10.28
N PHE A 309 2.84 12.23 10.96
CA PHE A 309 3.87 13.26 10.68
C PHE A 309 5.27 12.71 10.96
N GLN A 310 5.40 11.77 11.90
CA GLN A 310 6.69 11.10 12.18
C GLN A 310 7.20 10.35 10.94
N GLY A 311 6.33 9.98 9.99
CA GLY A 311 6.74 9.24 8.78
C GLY A 311 6.98 10.13 7.56
N VAL A 312 6.72 11.42 7.66
CA VAL A 312 6.78 12.34 6.50
C VAL A 312 8.24 12.59 6.08
N ALA A 313 8.41 12.79 4.77
CA ALA A 313 9.62 13.23 4.04
C ALA A 313 10.32 14.29 4.89
N ALA A 314 11.62 14.12 5.12
CA ALA A 314 12.43 15.13 5.85
C ALA A 314 12.12 16.52 5.28
N GLY A 315 11.97 17.50 6.16
CA GLY A 315 11.91 18.90 5.73
C GLY A 315 10.50 19.47 5.67
N CYS A 316 9.44 18.64 5.64
CA CYS A 316 8.04 19.15 5.53
C CYS A 316 7.58 19.66 6.92
N THR A 317 6.81 20.74 6.90
CA THR A 317 6.15 21.34 8.09
C THR A 317 4.85 20.57 8.38
N GLN A 318 4.57 20.34 9.64
CA GLN A 318 3.33 19.65 10.05
C GLN A 318 2.14 20.52 9.68
N VAL A 319 1.08 19.89 9.20
CA VAL A 319 -0.20 20.53 8.80
C VAL A 319 -1.26 20.11 9.80
N PHE A 320 -2.12 21.05 10.21
CA PHE A 320 -3.07 20.86 11.33
C PHE A 320 -4.50 21.06 10.86
N PRO A 321 -5.22 20.02 10.40
CA PRO A 321 -6.60 20.20 9.93
C PRO A 321 -7.56 20.66 11.05
N TYR A 322 -7.23 20.38 12.31
CA TYR A 322 -8.10 20.58 13.50
C TYR A 322 -7.40 21.52 14.51
N GLY A 323 -6.46 22.34 14.03
CA GLY A 323 -5.68 23.28 14.86
C GLY A 323 -4.84 22.53 15.88
N ARG A 324 -4.36 23.24 16.92
CA ARG A 324 -3.55 22.70 18.04
C ARG A 324 -3.98 23.36 19.36
C1 NAG B . -9.03 -9.03 -14.56
C2 NAG B . -10.50 -8.75 -14.64
C3 NAG B . -10.96 -8.74 -16.14
C4 NAG B . -10.08 -7.82 -16.98
C5 NAG B . -8.60 -8.12 -16.68
C6 NAG B . -7.65 -7.20 -17.45
C7 NAG B . -11.23 -11.00 -13.94
C8 NAG B . -12.23 -11.74 -13.06
N2 NAG B . -11.28 -9.67 -13.78
O3 NAG B . -12.35 -8.36 -16.19
O4 NAG B . -10.22 -8.04 -18.41
O5 NAG B . -8.36 -7.98 -15.27
O6 NAG B . -7.82 -5.86 -17.02
O7 NAG B . -10.48 -11.59 -14.73
C1 NAG B . -11.28 -7.33 -19.07
C2 NAG B . -10.94 -7.42 -20.58
C3 NAG B . -12.01 -6.78 -21.47
C4 NAG B . -13.42 -7.26 -21.06
C5 NAG B . -13.67 -7.30 -19.52
C6 NAG B . -14.99 -8.02 -19.26
C7 NAG B . -8.57 -7.71 -21.05
C8 NAG B . -7.19 -7.14 -21.27
N2 NAG B . -9.61 -6.88 -20.83
O3 NAG B . -11.72 -7.10 -22.87
O4 NAG B . -14.40 -6.37 -21.63
O5 NAG B . -12.58 -7.93 -18.83
O6 NAG B . -15.29 -8.19 -17.86
O7 NAG B . -8.68 -8.94 -21.06
C1 BMA B . -14.98 -6.86 -22.85
C2 BMA B . -16.42 -6.34 -22.86
C3 BMA B . -17.14 -6.59 -24.17
C4 BMA B . -16.24 -6.52 -25.42
C5 BMA B . -14.80 -7.05 -25.21
C6 BMA B . -13.86 -6.91 -26.45
O2 BMA B . -16.45 -4.94 -22.61
O3 BMA B . -18.19 -5.62 -24.22
O4 BMA B . -16.84 -7.33 -26.44
O5 BMA B . -14.25 -6.45 -24.01
O6 BMA B . -13.15 -5.67 -26.64
C1 NAG C . 16.22 -6.19 -15.52
C2 NAG C . 17.52 -5.42 -15.19
C3 NAG C . 18.36 -5.05 -16.42
C4 NAG C . 18.53 -6.33 -17.24
C5 NAG C . 17.25 -7.15 -17.50
C6 NAG C . 17.56 -8.56 -18.08
C7 NAG C . 17.70 -4.01 -13.15
C8 NAG C . 17.32 -2.68 -12.55
N2 NAG C . 17.29 -4.21 -14.39
O3 NAG C . 19.66 -4.56 -15.95
O4 NAG C . 19.18 -5.96 -18.48
O5 NAG C . 16.53 -7.37 -16.27
O6 NAG C . 18.34 -9.32 -17.13
O7 NAG C . 18.31 -4.83 -12.48
C1 NAG C . 20.39 -6.75 -18.55
C2 NAG C . 20.95 -6.70 -19.97
C3 NAG C . 22.37 -7.27 -20.08
C4 NAG C . 23.30 -7.02 -18.88
C5 NAG C . 22.58 -7.00 -17.51
C6 NAG C . 23.42 -6.29 -16.45
C7 NAG C . 18.96 -6.86 -21.45
C8 NAG C . 18.01 -7.85 -22.11
N2 NAG C . 20.04 -7.41 -20.86
O3 NAG C . 22.98 -6.67 -21.21
O4 NAG C . 24.31 -8.04 -18.87
O5 NAG C . 21.34 -6.30 -17.59
O6 NAG C . 23.78 -7.18 -15.39
O7 NAG C . 18.73 -5.64 -21.42
C1 NAG D . -5.07 22.97 6.87
C2 NAG D . -4.53 24.36 6.59
C3 NAG D . -4.89 25.30 7.75
C4 NAG D . -6.39 25.33 7.99
C5 NAG D . -6.97 23.93 8.14
C6 NAG D . -8.52 23.98 8.14
C7 NAG D . -2.48 24.50 5.25
C8 NAG D . -0.99 24.50 5.32
N2 NAG D . -3.11 24.33 6.43
O3 NAG D . -4.44 26.62 7.36
O4 NAG D . -6.63 26.02 9.22
O5 NAG D . -6.51 23.08 7.09
O6 NAG D . -9.02 22.67 8.49
O7 NAG D . -3.05 24.67 4.19
C1 NAG D . -7.57 27.11 9.01
C2 NAG D . -8.07 27.59 10.40
C3 NAG D . -9.12 28.68 10.23
C4 NAG D . -8.55 29.79 9.33
C5 NAG D . -8.01 29.23 8.01
C6 NAG D . -7.30 30.25 7.14
C7 NAG D . -7.97 25.89 12.17
C8 NAG D . -8.66 24.67 12.75
N2 NAG D . -8.62 26.47 11.15
O3 NAG D . -9.50 29.22 11.48
O4 NAG D . -9.59 30.74 9.00
O5 NAG D . -7.02 28.23 8.30
O6 NAG D . -6.35 30.92 7.97
O7 NAG D . -6.90 26.28 12.61
C1 BMA D . -9.45 32.03 9.64
C2 BMA D . -10.05 33.06 8.69
C3 BMA D . -10.05 34.44 9.32
C4 BMA D . -10.59 34.35 10.77
C5 BMA D . -9.92 33.21 11.60
C6 BMA D . -10.56 33.06 12.95
O2 BMA D . -11.36 32.56 8.39
O3 BMA D . -10.90 35.30 8.54
O4 BMA D . -10.45 35.64 11.40
O5 BMA D . -10.14 31.99 10.89
O6 BMA D . -12.02 32.81 12.74
C1 MAN D . -10.12 36.16 7.71
C2 MAN D . -10.94 37.44 7.40
C3 MAN D . -12.20 37.10 6.62
C4 MAN D . -11.80 36.24 5.43
C5 MAN D . -10.94 35.01 5.79
C6 MAN D . -10.45 34.28 4.53
O2 MAN D . -10.19 38.40 6.60
O3 MAN D . -12.79 38.29 6.09
O4 MAN D . -12.98 35.81 4.78
O5 MAN D . -9.76 35.43 6.53
O6 MAN D . -9.74 35.26 3.76
C1 MAN D . -9.37 39.33 7.35
C2 MAN D . -9.07 40.50 6.41
C3 MAN D . -8.28 39.98 5.18
C4 MAN D . -7.07 39.10 5.55
C5 MAN D . -7.31 38.18 6.78
C6 MAN D . -5.95 37.79 7.36
O2 MAN D . -8.41 41.53 7.17
O3 MAN D . -7.81 41.03 4.31
O4 MAN D . -6.73 38.27 4.44
O5 MAN D . -8.12 38.77 7.81
O6 MAN D . -6.07 36.47 7.89
C1 MAN D . -9.20 34.79 2.52
C2 MAN D . -8.62 35.99 1.74
C3 MAN D . -9.74 36.96 1.27
C4 MAN D . -10.74 36.20 0.42
C5 MAN D . -11.19 34.89 1.14
C6 MAN D . -11.94 33.90 0.26
O2 MAN D . -7.93 35.45 0.59
O3 MAN D . -9.27 38.14 0.58
O4 MAN D . -11.88 37.08 0.15
O5 MAN D . -10.16 34.09 1.73
O6 MAN D . -12.65 33.02 1.17
C1 MAN D . -12.78 32.90 13.96
C2 MAN D . -14.23 32.55 13.62
C3 MAN D . -14.85 33.60 12.71
C4 MAN D . -14.71 34.95 13.38
C5 MAN D . -13.21 35.23 13.65
C6 MAN D . -13.04 36.57 14.32
O2 MAN D . -15.04 32.37 14.80
O3 MAN D . -16.27 33.33 12.50
O4 MAN D . -15.32 35.91 12.50
O5 MAN D . -12.65 34.21 14.52
O6 MAN D . -13.71 36.39 15.58
C1 MAN D . -16.56 32.79 11.20
C2 MAN D . -18.08 32.97 10.94
C3 MAN D . -18.86 32.16 11.96
C4 MAN D . -18.41 30.70 11.80
C5 MAN D . -16.88 30.60 12.13
C6 MAN D . -16.41 29.16 12.04
O2 MAN D . -18.54 32.59 9.60
O3 MAN D . -20.29 32.29 11.86
O4 MAN D . -19.15 29.85 12.70
O5 MAN D . -16.14 31.43 11.20
O6 MAN D . -16.39 28.84 10.67
C1 MAN D . -13.44 37.55 16.43
C2 MAN D . -13.69 37.14 17.88
C3 MAN D . -15.20 36.85 18.01
C4 MAN D . -16.06 38.03 17.51
C5 MAN D . -15.64 38.45 16.09
C6 MAN D . -16.40 39.68 15.58
O2 MAN D . -13.20 38.13 18.82
O3 MAN D . -15.53 36.49 19.36
O4 MAN D . -17.45 37.64 17.56
O5 MAN D . -14.22 38.70 16.04
O6 MAN D . -16.00 39.92 14.22
MG MG E . -5.95 -0.75 -6.57
CL CL F . 14.31 1.87 9.59
C1 NAG G . 21.07 -10.16 14.81
C2 NAG G . 21.95 -10.80 15.92
C3 NAG G . 22.92 -11.80 15.33
C4 NAG G . 22.15 -12.90 14.60
C5 NAG G . 21.15 -12.28 13.58
C6 NAG G . 20.04 -13.27 13.27
C7 NAG G . 22.59 -9.73 18.02
C8 NAG G . 23.37 -8.62 18.71
N2 NAG G . 22.71 -9.83 16.70
O3 NAG G . 23.63 -12.36 16.42
O4 NAG G . 23.09 -13.86 14.06
O5 NAG G . 20.41 -11.13 14.03
O6 NAG G . 20.05 -13.50 11.88
O7 NAG G . 21.86 -10.50 18.64
CHA HEM H . -0.44 -2.32 -2.42
CHB HEM H . -1.30 -0.87 2.10
CHC HEM H . 3.09 -2.51 3.39
CHD HEM H . 3.58 -4.54 -0.96
C1A HEM H . -1.05 -1.85 -1.29
C2A HEM H . -2.37 -1.36 -1.25
C3A HEM H . -2.62 -0.96 0.01
C4A HEM H . -1.44 -1.17 0.76
CMA HEM H . -3.89 -0.38 0.55
CAA HEM H . -3.35 -1.32 -2.39
CBA HEM H . -3.02 -0.17 -3.35
CGA HEM H . -3.50 -0.54 -4.73
O1A HEM H . -4.62 -0.15 -5.10
O2A HEM H . -2.78 -1.23 -5.48
C1B HEM H . -0.12 -1.15 2.80
C2B HEM H . 0.07 -0.71 4.13
C3B HEM H . 1.30 -1.16 4.51
C4B HEM H . 1.85 -1.90 3.36
CMB HEM H . -0.88 0.08 4.97
CAB HEM H . 1.92 -0.94 5.82
CBB HEM H . 3.17 -0.52 5.91
C1C HEM H . 3.58 -3.29 2.34
C2C HEM H . 4.69 -4.13 2.39
C3C HEM H . 4.82 -4.71 1.14
C4C HEM H . 3.76 -4.21 0.34
CMC HEM H . 5.58 -4.35 3.59
CAC HEM H . 5.83 -5.65 0.65
CBC HEM H . 6.39 -6.57 1.42
C1D HEM H . 2.52 -4.01 -1.70
C2D HEM H . 2.43 -4.24 -3.14
C3D HEM H . 1.31 -3.64 -3.55
C4D HEM H . 0.74 -3.02 -2.35
CMD HEM H . 3.40 -5.03 -3.98
CAD HEM H . 0.78 -3.57 -4.96
CBD HEM H . -0.13 -4.74 -5.33
CGD HEM H . -0.53 -4.63 -6.79
O1D HEM H . -0.57 -3.53 -7.36
O2D HEM H . -0.80 -5.66 -7.44
NA HEM H . -0.50 -1.72 -0.04
NB HEM H . 0.95 -1.84 2.39
NC HEM H . 3.02 -3.37 1.11
ND HEM H . 1.49 -3.28 -1.27
FE HEM H . 1.16 -2.69 0.49
C ACT I . 2.15 1.00 -0.16
O ACT I . 1.99 1.96 -0.99
OXT ACT I . 1.73 -0.17 -0.32
CH3 ACT I . 2.96 1.26 1.11
#